data_1OXB
#
_entry.id   1OXB
#
_cell.length_a   51.730
_cell.length_b   74.250
_cell.length_c   98.800
_cell.angle_alpha   90.00
_cell.angle_beta   90.00
_cell.angle_gamma   90.00
#
_symmetry.space_group_name_H-M   'P 21 21 21'
#
loop_
_entity.id
_entity.type
_entity.pdbx_description
1 polymer Ypd1p
2 polymer SLN1
3 non-polymer 'SULFATE ION'
4 water water
#
loop_
_entity_poly.entity_id
_entity_poly.type
_entity_poly.pdbx_seq_one_letter_code
_entity_poly.pdbx_strand_id
1 'polypeptide(L)'
;STIPSEIINWTILNEIISMDDDDSDFSKGLIIQFIDQAQTTFAQMQRQLDGEKNLTELDNLGHFLKGSSAALGLQRIAWV
CERIQNLGRKMEHFFPNKTELVNTLSDKSIINGINIDEDDEEIKIQVDDKDENSIYLILIAKALNQSRLEFKLARIELSK
YYNTNL
;
A
2 'polypeptide(L)'
;SVKILVVEDNHVNQEVIKRMLNLEGIENIELACDGQEAFDKVKELTSKGENYNMIFMDVQMPKVDGLLSTKMIRRDLGYT
SPIVALTAFADDSNIKECLESGMNGFLSKPIKRPKLKTILTEFCAAYQGKKNNK
;
B
#
loop_
_chem_comp.id
_chem_comp.type
_chem_comp.name
_chem_comp.formula
SO4 non-polymer 'SULFATE ION' 'O4 S -2'
#
# COMPACT_ATOMS: atom_id res chain seq x y z
N SER A 1 13.48 -9.86 -5.85
CA SER A 1 13.64 -8.50 -6.46
C SER A 1 14.78 -7.72 -5.81
N THR A 2 15.27 -6.73 -6.53
CA THR A 2 16.33 -5.90 -6.00
C THR A 2 15.69 -4.59 -5.54
N ILE A 3 16.09 -4.08 -4.38
CA ILE A 3 15.55 -2.82 -3.90
C ILE A 3 15.85 -1.76 -4.97
N PRO A 4 14.90 -0.85 -5.26
CA PRO A 4 15.18 0.17 -6.29
C PRO A 4 16.30 1.09 -5.86
N SER A 5 17.03 1.64 -6.83
CA SER A 5 18.13 2.53 -6.48
C SER A 5 17.70 3.93 -6.05
N GLU A 6 16.71 4.48 -6.73
CA GLU A 6 16.25 5.83 -6.48
C GLU A 6 15.24 5.96 -5.35
N ILE A 7 15.44 6.96 -4.49
CA ILE A 7 14.54 7.18 -3.35
C ILE A 7 13.10 7.50 -3.82
N ILE A 8 13.01 8.32 -4.88
CA ILE A 8 11.74 8.75 -5.45
C ILE A 8 11.59 8.36 -6.92
N ASN A 9 10.54 7.63 -7.25
CA ASN A 9 10.29 7.33 -8.66
C ASN A 9 9.53 8.57 -9.17
N TRP A 10 10.23 9.50 -9.80
CA TRP A 10 9.56 10.71 -10.27
C TRP A 10 8.47 10.47 -11.30
N THR A 11 8.55 9.38 -12.03
CA THR A 11 7.52 9.06 -12.99
C THR A 11 6.17 9.04 -12.24
N ILE A 12 6.13 8.37 -11.09
CA ILE A 12 4.91 8.32 -10.29
C ILE A 12 4.63 9.64 -9.56
N LEU A 13 5.62 10.21 -8.88
CA LEU A 13 5.37 11.44 -8.15
C LEU A 13 4.97 12.58 -9.10
N ASN A 14 5.60 12.69 -10.27
CA ASN A 14 5.22 13.72 -11.26
C ASN A 14 3.78 13.55 -11.67
N GLU A 15 3.34 12.30 -11.80
CA GLU A 15 1.95 12.03 -12.18
C GLU A 15 1.03 12.62 -11.12
N ILE A 16 1.32 12.36 -9.84
CA ILE A 16 0.48 12.89 -8.75
C ILE A 16 0.51 14.40 -8.78
N ILE A 17 1.71 14.94 -8.97
CA ILE A 17 1.85 16.38 -9.01
C ILE A 17 1.09 16.98 -10.19
N SER A 18 0.94 16.22 -11.27
CA SER A 18 0.24 16.74 -12.44
C SER A 18 -1.26 16.81 -12.18
N MET A 19 -1.73 16.13 -11.15
CA MET A 19 -3.15 16.17 -10.82
C MET A 19 -3.46 17.26 -9.78
N ASP A 20 -2.45 17.94 -9.28
CA ASP A 20 -2.69 18.96 -8.28
C ASP A 20 -2.24 20.28 -8.84
N ASP A 21 -2.87 20.67 -9.95
CA ASP A 21 -2.53 21.90 -10.64
C ASP A 21 -3.17 23.14 -10.04
N ASP A 22 -4.43 23.04 -9.64
CA ASP A 22 -5.10 24.19 -9.07
C ASP A 22 -4.28 24.70 -7.89
N ASP A 23 -4.28 23.93 -6.80
CA ASP A 23 -3.52 24.30 -5.61
C ASP A 23 -2.61 23.14 -5.23
N SER A 24 -1.32 23.43 -5.03
CA SER A 24 -0.34 22.39 -4.66
C SER A 24 -0.77 21.64 -3.39
N ASP A 25 -2.01 21.89 -2.98
CA ASP A 25 -2.59 21.30 -1.80
C ASP A 25 -2.80 19.80 -1.92
N PHE A 26 -3.08 19.33 -3.14
CA PHE A 26 -3.31 17.91 -3.33
C PHE A 26 -2.07 17.03 -3.08
N SER A 27 -1.03 17.24 -3.86
CA SER A 27 0.17 16.43 -3.74
C SER A 27 0.90 16.61 -2.42
N LYS A 28 1.03 17.85 -1.95
CA LYS A 28 1.73 18.05 -0.69
C LYS A 28 0.87 17.53 0.44
N GLY A 29 -0.45 17.53 0.26
CA GLY A 29 -1.32 17.01 1.31
C GLY A 29 -1.14 15.49 1.46
N LEU A 30 -0.95 14.83 0.32
CA LEU A 30 -0.76 13.38 0.27
C LEU A 30 0.52 13.00 1.01
N ILE A 31 1.56 13.78 0.75
CA ILE A 31 2.86 13.58 1.34
C ILE A 31 2.80 13.73 2.86
N ILE A 32 2.22 14.83 3.31
CA ILE A 32 2.08 15.08 4.74
C ILE A 32 1.31 13.92 5.36
N GLN A 33 0.25 13.49 4.69
CA GLN A 33 -0.55 12.38 5.19
C GLN A 33 0.32 11.12 5.29
N PHE A 34 1.15 10.92 4.27
CA PHE A 34 2.03 9.76 4.25
C PHE A 34 3.03 9.80 5.41
N ILE A 35 3.73 10.93 5.55
CA ILE A 35 4.71 11.12 6.63
C ILE A 35 4.08 10.63 7.96
N ASP A 36 2.90 11.14 8.25
CA ASP A 36 2.20 10.77 9.47
C ASP A 36 1.85 9.27 9.51
N GLN A 37 1.41 8.72 8.38
CA GLN A 37 1.07 7.28 8.36
C GLN A 37 2.30 6.45 8.68
N ALA A 38 3.43 6.89 8.14
CA ALA A 38 4.69 6.19 8.30
C ALA A 38 5.12 6.15 9.75
N GLN A 39 5.04 7.29 10.44
CA GLN A 39 5.45 7.34 11.85
C GLN A 39 4.51 6.57 12.75
N THR A 40 3.23 6.57 12.38
CA THR A 40 2.23 5.85 13.16
C THR A 40 2.49 4.35 12.97
N THR A 41 2.64 3.95 11.71
CA THR A 41 2.87 2.56 11.38
C THR A 41 4.17 2.01 11.99
N PHE A 42 5.27 2.75 11.87
CA PHE A 42 6.53 2.28 12.45
C PHE A 42 6.31 1.98 13.93
N ALA A 43 5.59 2.89 14.61
CA ALA A 43 5.30 2.73 16.04
C ALA A 43 4.40 1.51 16.30
N GLN A 44 3.39 1.30 15.47
CA GLN A 44 2.53 0.14 15.68
C GLN A 44 3.30 -1.15 15.42
N MET A 45 4.17 -1.16 14.40
CA MET A 45 4.96 -2.36 14.11
C MET A 45 5.87 -2.68 15.29
N GLN A 46 6.51 -1.63 15.82
CA GLN A 46 7.42 -1.77 16.94
C GLN A 46 6.67 -2.38 18.12
N ARG A 47 5.47 -1.89 18.38
CA ARG A 47 4.68 -2.41 19.49
C ARG A 47 4.37 -3.90 19.32
N GLN A 48 3.96 -4.30 18.13
CA GLN A 48 3.65 -5.70 17.85
C GLN A 48 4.87 -6.56 18.14
N LEU A 49 6.01 -6.11 17.62
CA LEU A 49 7.28 -6.81 17.78
C LEU A 49 7.69 -7.01 19.23
N ASP A 50 7.44 -6.02 20.08
CA ASP A 50 7.81 -6.14 21.48
C ASP A 50 6.72 -6.77 22.32
N GLY A 51 5.57 -7.06 21.71
CA GLY A 51 4.46 -7.61 22.45
C GLY A 51 3.74 -8.76 21.77
N GLU A 52 2.52 -8.51 21.31
CA GLU A 52 1.73 -9.56 20.69
C GLU A 52 2.44 -10.43 19.64
N LYS A 53 3.39 -9.85 18.92
CA LYS A 53 4.10 -10.59 17.89
C LYS A 53 3.16 -11.28 16.92
N ASN A 54 2.09 -10.59 16.52
CA ASN A 54 1.15 -11.15 15.56
C ASN A 54 1.68 -10.87 14.15
N LEU A 55 2.07 -11.93 13.45
CA LEU A 55 2.63 -11.83 12.12
C LEU A 55 1.64 -11.35 11.07
N THR A 56 0.36 -11.69 11.27
CA THR A 56 -0.68 -11.28 10.33
C THR A 56 -0.82 -9.77 10.44
N GLU A 57 -0.86 -9.26 11.67
CA GLU A 57 -0.97 -7.83 11.92
C GLU A 57 0.22 -7.09 11.26
N LEU A 58 1.43 -7.62 11.47
CA LEU A 58 2.64 -7.02 10.89
C LEU A 58 2.50 -7.01 9.36
N ASP A 59 1.91 -8.06 8.81
CA ASP A 59 1.68 -8.16 7.36
C ASP A 59 0.71 -7.04 6.93
N ASN A 60 -0.38 -6.90 7.66
CA ASN A 60 -1.39 -5.86 7.38
C ASN A 60 -0.75 -4.48 7.44
N LEU A 61 0.08 -4.27 8.46
CA LEU A 61 0.78 -3.00 8.66
C LEU A 61 1.76 -2.72 7.50
N GLY A 62 2.45 -3.75 7.01
CA GLY A 62 3.34 -3.57 5.89
C GLY A 62 2.49 -3.22 4.66
N HIS A 63 1.38 -3.94 4.49
CA HIS A 63 0.45 -3.70 3.38
C HIS A 63 -0.09 -2.26 3.36
N PHE A 64 -0.46 -1.78 4.55
CA PHE A 64 -0.97 -0.44 4.68
C PHE A 64 0.07 0.61 4.23
N LEU A 65 1.25 0.60 4.84
CA LEU A 65 2.24 1.59 4.46
C LEU A 65 2.76 1.46 3.02
N LYS A 66 2.70 0.25 2.45
CA LYS A 66 3.17 0.03 1.07
C LYS A 66 2.24 0.77 0.10
N GLY A 67 0.96 0.78 0.43
CA GLY A 67 -0.01 1.47 -0.40
C GLY A 67 0.31 2.93 -0.64
N SER A 68 0.49 3.70 0.44
CA SER A 68 0.78 5.13 0.32
C SER A 68 2.19 5.44 -0.21
N SER A 69 3.18 4.72 0.28
CA SER A 69 4.56 4.93 -0.16
C SER A 69 4.70 4.66 -1.66
N ALA A 70 4.15 3.55 -2.13
CA ALA A 70 4.24 3.21 -3.56
C ALA A 70 3.48 4.20 -4.44
N ALA A 71 2.28 4.59 -4.02
CA ALA A 71 1.49 5.52 -4.82
C ALA A 71 2.14 6.90 -4.89
N LEU A 72 3.08 7.17 -3.99
CA LEU A 72 3.74 8.47 -4.02
C LEU A 72 5.18 8.36 -4.55
N GLY A 73 5.54 7.20 -5.08
CA GLY A 73 6.88 7.01 -5.61
C GLY A 73 8.03 6.77 -4.63
N LEU A 74 7.71 6.56 -3.35
CA LEU A 74 8.71 6.28 -2.33
C LEU A 74 8.90 4.77 -2.45
N GLN A 75 9.46 4.37 -3.57
CA GLN A 75 9.64 2.97 -3.93
C GLN A 75 10.57 2.13 -3.10
N ARG A 76 11.54 2.74 -2.42
CA ARG A 76 12.44 1.97 -1.57
C ARG A 76 11.69 1.63 -0.28
N ILE A 77 10.92 2.58 0.24
CA ILE A 77 10.11 2.30 1.42
C ILE A 77 9.08 1.20 1.07
N ALA A 78 8.44 1.32 -0.09
CA ALA A 78 7.44 0.34 -0.50
C ALA A 78 8.06 -1.06 -0.66
N TRP A 79 9.28 -1.12 -1.19
CA TRP A 79 9.95 -2.39 -1.34
C TRP A 79 10.13 -3.03 0.05
N VAL A 80 10.65 -2.27 1.01
CA VAL A 80 10.85 -2.84 2.33
C VAL A 80 9.55 -3.36 2.93
N CYS A 81 8.46 -2.61 2.77
CA CYS A 81 7.16 -3.04 3.27
C CYS A 81 6.71 -4.36 2.64
N GLU A 82 7.04 -4.56 1.36
CA GLU A 82 6.64 -5.81 0.73
C GLU A 82 7.45 -6.96 1.31
N ARG A 83 8.67 -6.67 1.79
CA ARG A 83 9.50 -7.70 2.40
C ARG A 83 8.82 -8.01 3.74
N ILE A 84 8.37 -6.98 4.45
CA ILE A 84 7.70 -7.22 5.73
C ILE A 84 6.44 -8.09 5.53
N GLN A 85 5.70 -7.86 4.43
CA GLN A 85 4.52 -8.68 4.17
C GLN A 85 4.92 -10.14 3.96
N ASN A 86 5.91 -10.36 3.10
CA ASN A 86 6.38 -11.70 2.80
C ASN A 86 6.96 -12.35 4.03
N LEU A 87 7.63 -11.57 4.88
CA LEU A 87 8.20 -12.13 6.11
C LEU A 87 7.03 -12.56 6.98
N GLY A 88 6.04 -11.67 7.08
CA GLY A 88 4.86 -11.95 7.88
C GLY A 88 4.09 -13.19 7.42
N ARG A 89 4.20 -13.55 6.15
CA ARG A 89 3.51 -14.74 5.62
C ARG A 89 4.46 -15.92 5.62
N LYS A 90 5.64 -15.72 6.22
CA LYS A 90 6.67 -16.75 6.28
C LYS A 90 7.00 -17.22 4.88
N MET A 91 7.03 -16.30 3.92
CA MET A 91 7.35 -16.66 2.54
C MET A 91 8.83 -16.39 2.26
N GLU A 92 9.46 -15.59 3.11
CA GLU A 92 10.87 -15.28 2.95
C GLU A 92 11.61 -15.59 4.27
N HIS A 93 12.93 -15.78 4.19
CA HIS A 93 13.68 -16.12 5.39
C HIS A 93 15.06 -15.48 5.41
N PHE A 94 15.12 -14.26 4.87
CA PHE A 94 16.32 -13.45 4.77
C PHE A 94 15.89 -11.99 4.50
N PHE A 95 16.75 -11.05 4.89
CA PHE A 95 16.50 -9.63 4.64
C PHE A 95 17.91 -9.04 4.67
N PRO A 96 18.30 -8.35 3.60
CA PRO A 96 19.62 -7.72 3.45
C PRO A 96 20.11 -6.83 4.57
N ASN A 97 21.40 -6.96 4.90
CA ASN A 97 22.01 -6.12 5.94
C ASN A 97 21.85 -4.73 5.42
N LYS A 98 21.90 -3.77 6.34
CA LYS A 98 21.73 -2.37 6.02
C LYS A 98 22.79 -1.79 5.11
N THR A 99 24.05 -2.18 5.32
CA THR A 99 25.14 -1.70 4.51
C THR A 99 24.95 -2.08 3.06
N GLU A 100 24.61 -3.33 2.83
CA GLU A 100 24.39 -3.79 1.47
C GLU A 100 23.24 -3.01 0.83
N LEU A 101 22.24 -2.64 1.64
CA LEU A 101 21.08 -1.91 1.12
C LEU A 101 21.40 -0.44 0.78
N VAL A 102 22.21 0.20 1.62
CA VAL A 102 22.58 1.57 1.34
C VAL A 102 23.49 1.63 0.12
N ASN A 103 24.25 0.56 -0.13
CA ASN A 103 25.15 0.51 -1.29
C ASN A 103 24.43 0.47 -2.62
N THR A 104 23.12 0.27 -2.59
CA THR A 104 22.36 0.26 -3.83
C THR A 104 21.81 1.64 -4.16
N LEU A 105 21.94 2.59 -3.23
CA LEU A 105 21.40 3.95 -3.45
C LEU A 105 22.01 4.61 -4.68
N SER A 106 21.20 5.16 -5.57
CA SER A 106 21.76 5.81 -6.76
C SER A 106 22.69 6.99 -6.39
N ASP A 107 22.31 7.80 -5.39
CA ASP A 107 23.19 8.89 -4.95
C ASP A 107 23.62 8.58 -3.51
N LYS A 108 24.78 7.97 -3.37
CA LYS A 108 25.29 7.58 -2.06
C LYS A 108 25.53 8.77 -1.14
N SER A 109 25.85 9.92 -1.74
CA SER A 109 26.13 11.13 -0.98
C SER A 109 24.97 11.62 -0.10
N ILE A 110 23.81 11.00 -0.20
CA ILE A 110 22.68 11.44 0.61
C ILE A 110 22.82 10.90 2.02
N ILE A 111 23.74 9.96 2.20
CA ILE A 111 23.97 9.34 3.50
C ILE A 111 25.00 9.99 4.40
N ASN A 112 26.10 10.50 3.85
CA ASN A 112 27.09 11.11 4.72
C ASN A 112 26.51 12.38 5.36
N GLY A 113 26.82 12.55 6.64
CA GLY A 113 26.30 13.69 7.36
C GLY A 113 25.29 13.17 8.36
N ILE A 114 24.92 11.91 8.22
CA ILE A 114 23.95 11.31 9.13
C ILE A 114 24.38 9.92 9.59
N ASN A 115 23.95 9.55 10.80
CA ASN A 115 24.25 8.23 11.32
C ASN A 115 23.08 7.38 10.81
N ILE A 116 23.37 6.33 10.07
CA ILE A 116 22.33 5.50 9.49
C ILE A 116 21.68 4.54 10.49
N ASP A 117 22.26 4.45 11.68
CA ASP A 117 21.74 3.58 12.71
C ASP A 117 21.06 4.40 13.78
N GLU A 118 21.02 5.70 13.57
CA GLU A 118 20.43 6.59 14.56
C GLU A 118 19.03 6.23 15.02
N ASP A 119 18.17 5.73 14.13
CA ASP A 119 16.82 5.39 14.55
C ASP A 119 16.59 3.91 14.87
N ASP A 120 17.63 3.10 14.73
CA ASP A 120 17.51 1.67 15.02
C ASP A 120 16.92 1.39 16.38
N GLU A 121 16.13 0.32 16.48
CA GLU A 121 15.55 -0.06 17.77
C GLU A 121 15.68 -1.56 17.93
N GLU A 122 16.00 -2.01 19.13
CA GLU A 122 16.11 -3.44 19.36
C GLU A 122 14.74 -4.00 19.62
N ILE A 123 14.57 -5.28 19.34
CA ILE A 123 13.28 -5.94 19.56
C ILE A 123 13.32 -6.73 20.88
N LYS A 124 12.33 -6.52 21.74
CA LYS A 124 12.24 -7.23 23.01
C LYS A 124 11.72 -8.60 22.62
N ILE A 125 12.63 -9.55 22.49
CA ILE A 125 12.23 -10.87 22.06
C ILE A 125 12.83 -12.00 22.88
N GLN A 126 11.97 -12.92 23.27
CA GLN A 126 12.33 -14.10 24.04
C GLN A 126 13.31 -14.94 23.21
N VAL A 127 14.60 -14.85 23.55
CA VAL A 127 15.65 -15.56 22.84
C VAL A 127 15.77 -17.05 23.21
N ASP A 128 15.42 -17.36 24.45
CA ASP A 128 15.47 -18.74 24.93
C ASP A 128 14.28 -19.49 24.33
N ASP A 129 13.09 -18.96 24.60
CA ASP A 129 11.85 -19.55 24.11
C ASP A 129 11.72 -19.26 22.61
N LYS A 130 12.86 -19.18 21.92
CA LYS A 130 12.82 -18.91 20.49
C LYS A 130 12.18 -20.09 19.77
N ASP A 131 10.94 -19.89 19.35
CA ASP A 131 10.20 -20.89 18.62
C ASP A 131 10.57 -20.69 17.16
N GLU A 132 9.89 -21.42 16.27
CA GLU A 132 10.20 -21.29 14.86
C GLU A 132 9.78 -19.95 14.25
N ASN A 133 9.09 -19.12 15.04
CA ASN A 133 8.64 -17.84 14.51
C ASN A 133 9.61 -16.73 14.81
N SER A 134 10.57 -16.99 15.68
CA SER A 134 11.54 -15.96 16.02
C SER A 134 12.21 -15.35 14.79
N ILE A 135 12.62 -16.18 13.85
CA ILE A 135 13.30 -15.66 12.67
C ILE A 135 12.49 -14.57 11.96
N TYR A 136 11.21 -14.84 11.71
CA TYR A 136 10.35 -13.88 11.03
C TYR A 136 10.30 -12.59 11.83
N LEU A 137 10.09 -12.70 13.14
CA LEU A 137 10.04 -11.52 13.99
C LEU A 137 11.33 -10.72 13.93
N ILE A 138 12.47 -11.38 14.10
CA ILE A 138 13.76 -10.70 14.05
C ILE A 138 13.99 -10.09 12.65
N LEU A 139 13.61 -10.82 11.63
CA LEU A 139 13.79 -10.32 10.27
C LEU A 139 12.90 -9.08 10.02
N ILE A 140 11.69 -9.07 10.57
CA ILE A 140 10.81 -7.92 10.39
C ILE A 140 11.31 -6.71 11.19
N ALA A 141 11.95 -6.97 12.33
CA ALA A 141 12.51 -5.86 13.10
C ALA A 141 13.66 -5.26 12.27
N LYS A 142 14.49 -6.13 11.69
CA LYS A 142 15.62 -5.66 10.89
C LYS A 142 15.08 -4.76 9.76
N ALA A 143 14.01 -5.21 9.10
CA ALA A 143 13.38 -4.45 8.03
C ALA A 143 12.71 -3.17 8.54
N LEU A 144 12.26 -3.17 9.79
CA LEU A 144 11.63 -1.96 10.33
C LEU A 144 12.73 -0.94 10.52
N ASN A 145 13.90 -1.40 10.96
CA ASN A 145 15.02 -0.49 11.14
C ASN A 145 15.43 0.05 9.78
N GLN A 146 15.43 -0.80 8.75
CA GLN A 146 15.79 -0.33 7.42
C GLN A 146 14.75 0.72 6.96
N SER A 147 13.47 0.45 7.22
CA SER A 147 12.37 1.35 6.86
C SER A 147 12.50 2.74 7.51
N ARG A 148 12.88 2.76 8.77
CA ARG A 148 13.03 4.04 9.46
C ARG A 148 14.11 4.84 8.75
N LEU A 149 15.17 4.17 8.30
CA LEU A 149 16.22 4.85 7.57
C LEU A 149 15.71 5.30 6.20
N GLU A 150 15.02 4.43 5.46
CA GLU A 150 14.56 4.84 4.14
C GLU A 150 13.56 6.00 4.25
N PHE A 151 12.74 6.00 5.30
CA PHE A 151 11.78 7.08 5.53
C PHE A 151 12.57 8.39 5.68
N LYS A 152 13.62 8.32 6.50
CA LYS A 152 14.49 9.45 6.76
C LYS A 152 15.02 10.03 5.44
N LEU A 153 15.59 9.16 4.60
CA LEU A 153 16.11 9.58 3.31
C LEU A 153 14.97 10.17 2.44
N ALA A 154 13.79 9.56 2.46
CA ALA A 154 12.70 10.10 1.65
C ALA A 154 12.36 11.52 2.11
N ARG A 155 12.36 11.76 3.42
CA ARG A 155 12.06 13.10 3.90
C ARG A 155 13.17 14.09 3.49
N ILE A 156 14.42 13.65 3.46
CA ILE A 156 15.50 14.53 3.04
C ILE A 156 15.20 15.01 1.61
N GLU A 157 15.05 14.06 0.70
CA GLU A 157 14.78 14.39 -0.70
C GLU A 157 13.47 15.18 -0.89
N LEU A 158 12.40 14.77 -0.22
CA LEU A 158 11.13 15.50 -0.38
C LEU A 158 11.30 16.93 0.20
N SER A 159 12.10 17.06 1.24
CA SER A 159 12.31 18.37 1.81
C SER A 159 13.11 19.25 0.87
N LYS A 160 14.11 18.73 0.16
CA LYS A 160 14.84 19.62 -0.73
C LYS A 160 14.01 20.00 -1.96
N TYR A 161 13.08 19.13 -2.36
CA TYR A 161 12.21 19.40 -3.47
C TYR A 161 11.19 20.50 -3.14
N TYR A 162 10.57 20.39 -1.97
CA TYR A 162 9.57 21.36 -1.53
C TYR A 162 10.22 22.55 -0.84
N ASN A 163 11.53 22.49 -0.64
CA ASN A 163 12.23 23.57 0.04
C ASN A 163 11.46 23.86 1.33
N THR A 164 11.55 22.93 2.28
CA THR A 164 10.87 23.05 3.57
C THR A 164 10.84 21.68 4.26
N ASN A 165 11.40 21.63 5.46
CA ASN A 165 11.48 20.41 6.26
C ASN A 165 10.14 19.73 6.46
N LEU A 166 10.04 18.47 6.04
CA LEU A 166 8.80 17.72 6.17
C LEU A 166 8.98 16.50 7.07
N SER B 1 -25.72 7.57 -15.62
CA SER B 1 -25.12 8.01 -14.32
C SER B 1 -24.22 6.91 -13.74
N VAL B 2 -22.91 7.09 -13.91
CA VAL B 2 -21.93 6.11 -13.42
C VAL B 2 -21.63 6.27 -11.94
N LYS B 3 -21.74 5.18 -11.20
CA LYS B 3 -21.48 5.18 -9.77
C LYS B 3 -20.42 4.11 -9.45
N ILE B 4 -19.36 4.52 -8.77
CA ILE B 4 -18.25 3.61 -8.44
C ILE B 4 -17.87 3.51 -6.96
N LEU B 5 -17.57 2.31 -6.52
CA LEU B 5 -17.15 2.07 -5.15
C LEU B 5 -15.66 1.72 -5.12
N VAL B 6 -14.90 2.40 -4.26
CA VAL B 6 -13.49 2.11 -4.15
C VAL B 6 -13.26 1.54 -2.76
N VAL B 7 -12.72 0.33 -2.72
CA VAL B 7 -12.45 -0.35 -1.47
C VAL B 7 -10.95 -0.53 -1.29
N GLU B 8 -10.35 0.27 -0.43
CA GLU B 8 -8.91 0.18 -0.13
C GLU B 8 -8.71 0.56 1.33
N ASP B 9 -7.73 -0.08 1.97
CA ASP B 9 -7.48 0.18 3.37
C ASP B 9 -6.65 1.45 3.66
N ASN B 10 -6.16 2.14 2.64
CA ASN B 10 -5.37 3.35 2.89
C ASN B 10 -6.05 4.55 2.24
N HIS B 11 -6.35 5.55 3.04
CA HIS B 11 -7.01 6.74 2.53
C HIS B 11 -6.21 7.42 1.42
N VAL B 12 -4.87 7.34 1.51
CA VAL B 12 -4.06 7.99 0.48
C VAL B 12 -4.37 7.39 -0.89
N ASN B 13 -4.47 6.07 -0.95
CA ASN B 13 -4.77 5.39 -2.22
C ASN B 13 -6.18 5.76 -2.67
N GLN B 14 -7.10 5.90 -1.71
CA GLN B 14 -8.47 6.26 -2.06
C GLN B 14 -8.48 7.60 -2.74
N GLU B 15 -7.76 8.55 -2.16
CA GLU B 15 -7.69 9.91 -2.71
C GLU B 15 -7.08 9.93 -4.10
N VAL B 16 -6.03 9.14 -4.30
CA VAL B 16 -5.41 9.11 -5.61
C VAL B 16 -6.31 8.52 -6.68
N ILE B 17 -6.88 7.34 -6.45
CA ILE B 17 -7.73 6.74 -7.49
C ILE B 17 -8.98 7.60 -7.75
N LYS B 18 -9.58 8.14 -6.70
CA LYS B 18 -10.73 9.01 -6.82
C LYS B 18 -10.38 10.23 -7.70
N ARG B 19 -9.18 10.76 -7.54
CA ARG B 19 -8.73 11.89 -8.33
C ARG B 19 -8.53 11.47 -9.78
N MET B 20 -7.96 10.29 -10.00
CA MET B 20 -7.73 9.80 -11.37
C MET B 20 -9.07 9.55 -12.07
N LEU B 21 -10.06 9.11 -11.29
CA LEU B 21 -11.38 8.82 -11.80
C LEU B 21 -12.12 10.13 -12.09
N ASN B 22 -11.96 11.11 -11.21
CA ASN B 22 -12.59 12.41 -11.41
C ASN B 22 -12.05 12.96 -12.72
N LEU B 23 -10.75 12.81 -12.95
CA LEU B 23 -10.11 13.30 -14.17
C LEU B 23 -10.49 12.50 -15.40
N GLU B 24 -11.14 11.35 -15.20
CA GLU B 24 -11.57 10.56 -16.34
C GLU B 24 -13.01 10.95 -16.61
N GLY B 25 -13.58 11.72 -15.69
CA GLY B 25 -14.94 12.18 -15.85
C GLY B 25 -15.96 11.55 -14.92
N ILE B 26 -15.50 10.73 -13.96
CA ILE B 26 -16.42 10.07 -13.03
C ILE B 26 -16.43 10.77 -11.67
N GLU B 27 -17.59 11.32 -11.33
CA GLU B 27 -17.76 12.07 -10.07
C GLU B 27 -18.39 11.34 -8.90
N ASN B 28 -19.24 10.36 -9.20
CA ASN B 28 -19.93 9.64 -8.14
C ASN B 28 -19.12 8.45 -7.64
N ILE B 29 -18.14 8.74 -6.78
CA ILE B 29 -17.26 7.75 -6.21
C ILE B 29 -17.55 7.58 -4.73
N GLU B 30 -17.63 6.34 -4.28
CA GLU B 30 -17.90 6.04 -2.88
C GLU B 30 -16.71 5.26 -2.33
N LEU B 31 -16.43 5.43 -1.04
CA LEU B 31 -15.29 4.75 -0.45
C LEU B 31 -15.69 3.80 0.67
N ALA B 32 -14.87 2.79 0.90
CA ALA B 32 -15.06 1.82 1.98
C ALA B 32 -13.62 1.45 2.37
N CYS B 33 -13.37 1.08 3.62
CA CYS B 33 -12.00 0.79 4.06
C CYS B 33 -11.65 -0.68 4.22
N ASP B 34 -12.64 -1.55 4.10
CA ASP B 34 -12.40 -2.99 4.19
C ASP B 34 -13.53 -3.77 3.51
N GLY B 35 -13.36 -5.08 3.43
CA GLY B 35 -14.33 -5.94 2.79
C GLY B 35 -15.72 -5.91 3.42
N GLN B 36 -15.81 -5.90 4.74
CA GLN B 36 -17.12 -5.88 5.38
C GLN B 36 -17.85 -4.61 5.06
N GLU B 37 -17.11 -3.51 5.14
CA GLU B 37 -17.68 -2.20 4.87
C GLU B 37 -18.16 -2.14 3.43
N ALA B 38 -17.44 -2.79 2.51
CA ALA B 38 -17.85 -2.79 1.10
C ALA B 38 -19.11 -3.65 0.90
N PHE B 39 -19.17 -4.79 1.58
CA PHE B 39 -20.34 -5.66 1.50
C PHE B 39 -21.60 -4.87 1.87
N ASP B 40 -21.53 -4.09 2.95
CA ASP B 40 -22.67 -3.30 3.41
C ASP B 40 -23.06 -2.19 2.45
N LYS B 41 -22.09 -1.42 1.96
CA LYS B 41 -22.41 -0.36 1.01
C LYS B 41 -23.15 -1.01 -0.17
N VAL B 42 -22.75 -2.23 -0.54
CA VAL B 42 -23.37 -2.96 -1.66
C VAL B 42 -24.72 -3.58 -1.29
N LYS B 43 -24.82 -4.19 -0.11
CA LYS B 43 -26.09 -4.79 0.29
C LYS B 43 -27.13 -3.66 0.29
N GLU B 44 -26.69 -2.47 0.69
CA GLU B 44 -27.59 -1.31 0.75
C GLU B 44 -28.13 -0.91 -0.61
N LEU B 45 -27.24 -0.68 -1.57
CA LEU B 45 -27.67 -0.29 -2.91
C LEU B 45 -28.41 -1.42 -3.62
N THR B 46 -28.42 -2.60 -3.03
CA THR B 46 -29.13 -3.73 -3.61
C THR B 46 -30.57 -3.63 -3.09
N SER B 47 -30.79 -2.68 -2.18
CA SER B 47 -32.12 -2.44 -1.61
C SER B 47 -32.73 -1.19 -2.24
N LYS B 48 -31.88 -0.30 -2.73
CA LYS B 48 -32.35 0.92 -3.38
C LYS B 48 -32.51 0.66 -4.88
N GLY B 49 -31.57 1.16 -5.66
CA GLY B 49 -31.61 0.95 -7.09
C GLY B 49 -30.26 1.31 -7.67
N GLU B 50 -29.85 2.55 -7.41
CA GLU B 50 -28.57 3.05 -7.90
C GLU B 50 -27.44 2.21 -7.29
N ASN B 51 -27.09 1.12 -7.95
CA ASN B 51 -26.02 0.24 -7.50
C ASN B 51 -24.73 0.65 -8.23
N TYR B 52 -23.59 0.11 -7.81
CA TYR B 52 -22.31 0.47 -8.43
C TYR B 52 -22.09 -0.13 -9.81
N ASN B 53 -21.63 0.70 -10.74
CA ASN B 53 -21.36 0.24 -12.09
C ASN B 53 -20.10 -0.64 -12.06
N MET B 54 -19.21 -0.33 -11.11
CA MET B 54 -17.95 -1.05 -10.94
C MET B 54 -17.46 -1.00 -9.50
N ILE B 55 -16.64 -1.97 -9.13
CA ILE B 55 -16.02 -1.94 -7.81
C ILE B 55 -14.52 -2.19 -7.98
N PHE B 56 -13.71 -1.34 -7.33
CA PHE B 56 -12.24 -1.45 -7.31
C PHE B 56 -11.95 -1.88 -5.90
N MET B 57 -11.30 -3.02 -5.75
CA MET B 57 -11.07 -3.55 -4.41
C MET B 57 -9.71 -4.12 -4.12
N ASP B 58 -9.11 -3.68 -3.02
CA ASP B 58 -7.80 -4.18 -2.60
C ASP B 58 -7.94 -5.67 -2.34
N VAL B 59 -6.98 -6.46 -2.82
CA VAL B 59 -7.03 -7.87 -2.57
C VAL B 59 -6.84 -8.12 -1.06
N GLN B 60 -5.84 -7.48 -0.45
CA GLN B 60 -5.57 -7.62 0.98
C GLN B 60 -6.05 -6.45 1.83
N MET B 61 -6.91 -6.74 2.79
CA MET B 61 -7.43 -5.71 3.70
C MET B 61 -7.79 -6.37 5.03
N PRO B 62 -7.63 -5.65 6.14
CA PRO B 62 -7.97 -6.23 7.44
C PRO B 62 -9.48 -6.44 7.60
N LYS B 63 -9.86 -7.25 8.59
CA LYS B 63 -11.26 -7.56 8.86
C LYS B 63 -11.77 -8.48 7.75
N VAL B 64 -12.13 -7.91 6.61
CA VAL B 64 -12.57 -8.72 5.46
C VAL B 64 -11.75 -8.33 4.24
N ASP B 65 -10.97 -9.27 3.73
CA ASP B 65 -10.14 -8.97 2.58
C ASP B 65 -10.94 -8.96 1.26
N GLY B 66 -10.27 -8.60 0.16
CA GLY B 66 -10.91 -8.49 -1.13
C GLY B 66 -11.54 -9.73 -1.73
N LEU B 67 -10.89 -10.88 -1.57
CA LEU B 67 -11.41 -12.13 -2.11
C LEU B 67 -12.66 -12.57 -1.34
N LEU B 68 -12.61 -12.50 -0.01
CA LEU B 68 -13.75 -12.85 0.81
C LEU B 68 -14.87 -11.86 0.53
N SER B 69 -14.49 -10.58 0.40
CA SER B 69 -15.47 -9.54 0.12
C SER B 69 -16.18 -9.87 -1.20
N THR B 70 -15.39 -10.10 -2.25
CA THR B 70 -15.97 -10.44 -3.53
C THR B 70 -16.92 -11.65 -3.41
N LYS B 71 -16.45 -12.70 -2.75
CA LYS B 71 -17.27 -13.89 -2.56
C LYS B 71 -18.62 -13.58 -1.92
N MET B 72 -18.62 -12.79 -0.85
CA MET B 72 -19.88 -12.43 -0.21
C MET B 72 -20.78 -11.63 -1.13
N ILE B 73 -20.21 -10.62 -1.79
CA ILE B 73 -20.98 -9.79 -2.70
C ILE B 73 -21.56 -10.65 -3.82
N ARG B 74 -20.77 -11.59 -4.33
CA ARG B 74 -21.26 -12.43 -5.41
C ARG B 74 -22.33 -13.40 -4.88
N ARG B 75 -21.97 -14.22 -3.91
CA ARG B 75 -22.91 -15.20 -3.36
C ARG B 75 -24.12 -14.62 -2.60
N ASP B 76 -23.88 -14.09 -1.40
CA ASP B 76 -24.94 -13.55 -0.57
C ASP B 76 -25.79 -12.46 -1.23
N LEU B 77 -25.17 -11.61 -2.03
CA LEU B 77 -25.91 -10.57 -2.74
C LEU B 77 -25.85 -11.14 -4.16
N GLY B 78 -26.52 -10.53 -5.12
CA GLY B 78 -26.42 -11.12 -6.44
C GLY B 78 -25.70 -10.20 -7.38
N TYR B 79 -24.73 -9.46 -6.86
CA TYR B 79 -24.00 -8.50 -7.66
C TYR B 79 -23.31 -9.14 -8.85
N THR B 80 -23.70 -8.73 -10.04
CA THR B 80 -23.14 -9.29 -11.26
C THR B 80 -22.27 -8.30 -12.00
N SER B 81 -22.12 -7.11 -11.44
CA SER B 81 -21.30 -6.09 -12.08
C SER B 81 -19.81 -6.31 -11.82
N PRO B 82 -18.94 -5.67 -12.62
CA PRO B 82 -17.48 -5.75 -12.55
C PRO B 82 -16.80 -5.39 -11.24
N ILE B 83 -15.86 -6.23 -10.85
CA ILE B 83 -15.06 -6.00 -9.65
C ILE B 83 -13.59 -6.11 -10.07
N VAL B 84 -12.82 -5.06 -9.80
CA VAL B 84 -11.42 -5.05 -10.21
C VAL B 84 -10.52 -5.17 -9.02
N ALA B 85 -9.64 -6.17 -9.06
CA ALA B 85 -8.72 -6.42 -7.95
C ALA B 85 -7.50 -5.51 -8.05
N LEU B 86 -7.09 -4.98 -6.92
CA LEU B 86 -5.92 -4.11 -6.83
C LEU B 86 -4.86 -4.77 -5.96
N THR B 87 -3.68 -4.98 -6.51
CA THR B 87 -2.62 -5.59 -5.73
C THR B 87 -1.29 -5.33 -6.41
N ALA B 88 -0.20 -5.41 -5.64
CA ALA B 88 1.12 -5.25 -6.23
C ALA B 88 1.63 -6.63 -6.61
N PHE B 89 1.06 -7.70 -6.05
CA PHE B 89 1.49 -9.06 -6.41
C PHE B 89 0.77 -9.39 -7.70
N ALA B 90 1.44 -9.16 -8.82
CA ALA B 90 0.85 -9.33 -10.13
C ALA B 90 1.37 -10.47 -11.02
N ASP B 91 1.81 -11.57 -10.41
CA ASP B 91 2.27 -12.69 -11.20
C ASP B 91 1.00 -13.31 -11.80
N ASP B 92 1.15 -14.05 -12.90
CA ASP B 92 0.01 -14.72 -13.55
C ASP B 92 -0.75 -15.53 -12.52
N SER B 93 0.00 -16.14 -11.62
CA SER B 93 -0.56 -16.94 -10.56
C SER B 93 -1.50 -16.09 -9.72
N ASN B 94 -1.01 -14.93 -9.30
CA ASN B 94 -1.81 -14.03 -8.47
C ASN B 94 -3.06 -13.56 -9.19
N ILE B 95 -2.92 -13.18 -10.45
CA ILE B 95 -4.06 -12.69 -11.21
C ILE B 95 -5.16 -13.74 -11.39
N LYS B 96 -4.76 -14.98 -11.61
CA LYS B 96 -5.73 -16.07 -11.81
C LYS B 96 -6.51 -16.34 -10.54
N GLU B 97 -5.85 -16.17 -9.40
CA GLU B 97 -6.52 -16.41 -8.13
C GLU B 97 -7.64 -15.36 -7.97
N CYS B 98 -7.38 -14.13 -8.40
CA CYS B 98 -8.39 -13.08 -8.26
C CYS B 98 -9.60 -13.44 -9.13
N LEU B 99 -9.34 -13.82 -10.38
CA LEU B 99 -10.43 -14.20 -11.27
C LEU B 99 -11.13 -15.46 -10.72
N GLU B 100 -10.35 -16.43 -10.26
CA GLU B 100 -10.94 -17.62 -9.68
C GLU B 100 -11.84 -17.25 -8.51
N SER B 101 -11.60 -16.07 -7.94
CA SER B 101 -12.41 -15.65 -6.80
C SER B 101 -13.61 -14.78 -7.17
N GLY B 102 -13.86 -14.61 -8.48
CA GLY B 102 -15.00 -13.81 -8.93
C GLY B 102 -14.70 -12.37 -9.31
N MET B 103 -13.42 -12.00 -9.42
CA MET B 103 -13.07 -10.61 -9.76
C MET B 103 -12.77 -10.61 -11.25
N ASN B 104 -13.36 -9.67 -11.98
CA ASN B 104 -13.22 -9.59 -13.43
C ASN B 104 -11.88 -9.11 -13.92
N GLY B 105 -11.38 -8.05 -13.30
CA GLY B 105 -10.13 -7.52 -13.77
C GLY B 105 -9.15 -7.27 -12.66
N PHE B 106 -7.98 -6.75 -13.05
CA PHE B 106 -6.95 -6.46 -12.08
C PHE B 106 -6.14 -5.26 -12.53
N LEU B 107 -5.67 -4.52 -11.54
CA LEU B 107 -4.79 -3.38 -11.77
C LEU B 107 -3.67 -3.59 -10.77
N SER B 108 -2.43 -3.37 -11.19
CA SER B 108 -1.33 -3.50 -10.23
C SER B 108 -1.11 -2.16 -9.53
N LYS B 109 -0.58 -2.24 -8.33
CA LYS B 109 -0.31 -1.04 -7.55
C LYS B 109 1.20 -0.87 -7.58
N PRO B 110 1.68 0.38 -7.62
CA PRO B 110 0.83 1.57 -7.63
C PRO B 110 0.09 1.64 -8.95
N ILE B 111 -1.22 1.86 -8.87
CA ILE B 111 -2.02 1.88 -10.08
C ILE B 111 -1.60 3.04 -10.94
N LYS B 112 -1.52 2.77 -12.25
CA LYS B 112 -1.13 3.72 -13.29
C LYS B 112 -2.36 4.20 -14.06
N ARG B 113 -2.46 5.52 -14.22
CA ARG B 113 -3.56 6.18 -14.90
C ARG B 113 -4.00 5.55 -16.23
N PRO B 114 -3.05 5.22 -17.12
CA PRO B 114 -3.40 4.62 -18.41
C PRO B 114 -4.03 3.23 -18.22
N LYS B 115 -3.50 2.49 -17.25
CA LYS B 115 -4.03 1.16 -16.96
C LYS B 115 -5.46 1.32 -16.48
N LEU B 116 -5.68 2.32 -15.62
CA LEU B 116 -7.02 2.60 -15.11
C LEU B 116 -7.91 2.82 -16.33
N LYS B 117 -7.48 3.75 -17.19
CA LYS B 117 -8.23 4.06 -18.41
C LYS B 117 -8.53 2.78 -19.19
N THR B 118 -7.51 1.97 -19.42
CA THR B 118 -7.70 0.72 -20.14
C THR B 118 -8.78 -0.16 -19.47
N ILE B 119 -8.79 -0.20 -18.14
CA ILE B 119 -9.77 -1.00 -17.39
C ILE B 119 -11.16 -0.39 -17.55
N LEU B 120 -11.26 0.95 -17.50
CA LEU B 120 -12.56 1.61 -17.64
C LEU B 120 -13.16 1.27 -19.01
N THR B 121 -12.33 1.32 -20.04
CA THR B 121 -12.84 1.04 -21.35
C THR B 121 -13.43 -0.38 -21.46
N GLU B 122 -12.71 -1.40 -20.98
CA GLU B 122 -13.23 -2.77 -21.10
C GLU B 122 -14.30 -3.23 -20.13
N PHE B 123 -14.46 -2.56 -18.99
CA PHE B 123 -15.45 -2.98 -18.01
C PHE B 123 -16.56 -1.99 -17.66
N CYS B 124 -16.35 -0.73 -18.00
CA CYS B 124 -17.33 0.30 -17.68
C CYS B 124 -18.21 0.67 -18.87
S SO4 C . -0.92 -5.53 -1.96
O1 SO4 C . -0.25 -5.79 -0.68
O2 SO4 C . -1.51 -4.16 -1.94
O3 SO4 C . 0.12 -5.66 -3.01
O4 SO4 C . -2.00 -6.50 -2.21
#